data_5DUX
#
_entry.id   5DUX
#
_cell.length_a   63.152
_cell.length_b   64.469
_cell.length_c   64.653
_cell.angle_alpha   90.000
_cell.angle_beta   90.790
_cell.angle_gamma   90.000
#
_symmetry.space_group_name_H-M   'P 1 21 1'
#
loop_
_entity.id
_entity.type
_entity.pdbx_description
1 polymer Galectin-4
2 branched alpha-L-fucopyranose-(1-2)-beta-D-galactopyranose-(1-4)-beta-D-glucopyranose
3 non-polymer 'FORMIC ACID'
4 non-polymer GLYCEROL
5 water water
#
_entity_poly.entity_id   1
_entity_poly.type   'polypeptide(L)'
_entity_poly.pdbx_seq_one_letter_code
;MAYVPAPGYQPTYNPTLPYYQPIPGGLNVGMSVYIQGVASEHMKRFFVNFVVGQDPGSDVAFHFNPRFDGWDKVVFNTLQ
GGKWGSEERKRSMPFKKGAAFELVFIVLAEHYKVVVNGNPFYEYGHRLPLQMVTHLQVDGDLQLQSINFIGGQPL
;
_entity_poly.pdbx_strand_id   B,D,A,C
#
# COMPACT_ATOMS: atom_id res chain seq x y z
N PRO A 15 26.06 2.31 17.97
CA PRO A 15 25.88 2.40 16.52
C PRO A 15 25.09 3.65 16.15
N THR A 16 25.31 4.13 14.94
CA THR A 16 24.62 5.31 14.46
C THR A 16 23.58 4.89 13.42
N LEU A 17 22.49 5.65 13.35
CA LEU A 17 21.44 5.44 12.34
C LEU A 17 21.66 6.38 11.17
N PRO A 18 21.36 5.92 9.95
CA PRO A 18 20.87 4.56 9.71
C PRO A 18 21.93 3.50 9.94
N TYR A 19 21.49 2.31 10.32
CA TYR A 19 22.38 1.17 10.49
C TYR A 19 22.16 0.21 9.33
N TYR A 20 23.23 -0.17 8.64
CA TYR A 20 23.09 -1.06 7.50
C TYR A 20 24.42 -1.79 7.36
N GLN A 21 24.49 -2.96 7.96
CA GLN A 21 25.75 -3.68 8.11
C GLN A 21 25.62 -5.13 7.70
N PRO A 22 26.72 -5.74 7.26
CA PRO A 22 26.67 -7.15 6.97
C PRO A 22 26.53 -7.97 8.24
N ILE A 23 25.77 -9.05 8.17
CA ILE A 23 25.67 -9.97 9.29
C ILE A 23 26.86 -10.91 9.24
N PRO A 24 27.67 -10.92 10.30
CA PRO A 24 28.90 -11.73 10.26
C PRO A 24 28.63 -13.21 10.07
N GLY A 25 29.05 -13.76 8.94
CA GLY A 25 28.88 -15.18 8.66
C GLY A 25 27.49 -15.50 8.14
N GLY A 26 26.69 -14.47 7.91
CA GLY A 26 25.30 -14.67 7.51
C GLY A 26 24.42 -15.22 8.63
N LEU A 27 23.15 -15.46 8.33
CA LEU A 27 22.26 -16.11 9.28
C LEU A 27 22.44 -17.62 9.29
N ASN A 28 22.26 -18.19 10.47
CA ASN A 28 22.11 -19.62 10.60
C ASN A 28 21.07 -19.93 11.67
N VAL A 29 20.42 -21.07 11.53
CA VAL A 29 19.46 -21.49 12.54
C VAL A 29 20.18 -21.55 13.88
N GLY A 30 19.59 -20.96 14.90
CA GLY A 30 20.22 -20.89 16.22
C GLY A 30 20.78 -19.51 16.57
N MET A 31 21.00 -18.70 15.54
CA MET A 31 21.54 -17.35 15.74
C MET A 31 20.46 -16.42 16.28
N SER A 32 20.88 -15.44 17.07
CA SER A 32 19.96 -14.39 17.50
C SER A 32 20.53 -13.04 17.14
N VAL A 33 19.65 -12.11 16.78
CA VAL A 33 20.01 -10.73 16.61
C VAL A 33 19.41 -10.00 17.81
N TYR A 34 20.26 -9.30 18.55
CA TYR A 34 19.85 -8.66 19.80
C TYR A 34 20.05 -7.16 19.69
N ILE A 35 18.94 -6.43 19.70
CA ILE A 35 18.98 -4.99 19.47
C ILE A 35 18.50 -4.29 20.72
N GLN A 36 19.32 -3.36 21.21
CA GLN A 36 18.91 -2.52 22.31
C GLN A 36 18.83 -1.09 21.82
N GLY A 37 17.68 -0.47 22.07
CA GLY A 37 17.45 0.90 21.65
C GLY A 37 16.40 1.59 22.50
N VAL A 38 16.13 2.83 22.15
CA VAL A 38 15.10 3.61 22.81
C VAL A 38 14.18 4.16 21.75
N ALA A 39 12.90 3.84 21.86
CA ALA A 39 11.91 4.37 20.94
C ALA A 39 11.79 5.88 21.18
N SER A 40 11.72 6.65 20.10
CA SER A 40 11.59 8.09 20.22
C SER A 40 10.34 8.48 20.98
N GLU A 41 10.44 9.53 21.79
CA GLU A 41 9.29 10.08 22.47
CA GLU A 41 9.28 10.08 22.47
C GLU A 41 8.21 10.48 21.46
N HIS A 42 8.63 10.78 20.23
CA HIS A 42 7.69 11.19 19.19
C HIS A 42 7.59 10.16 18.06
N MET A 43 7.82 8.90 18.41
CA MET A 43 7.93 7.85 17.39
C MET A 43 6.66 7.68 16.56
N LYS A 44 6.84 7.64 15.25
CA LYS A 44 5.77 7.20 14.37
C LYS A 44 6.05 5.75 13.95
N ARG A 45 7.24 5.49 13.42
CA ARG A 45 7.63 4.12 13.04
C ARG A 45 9.13 3.90 13.14
N PHE A 46 9.53 2.64 13.23
CA PHE A 46 10.89 2.26 12.84
C PHE A 46 10.85 0.89 12.17
N PHE A 47 11.95 0.49 11.58
CA PHE A 47 12.00 -0.82 10.96
C PHE A 47 13.32 -1.52 11.12
N VAL A 48 13.24 -2.84 11.09
CA VAL A 48 14.40 -3.69 11.06
C VAL A 48 14.19 -4.58 9.82
N ASN A 49 15.15 -4.54 8.91
CA ASN A 49 15.13 -5.36 7.71
C ASN A 49 16.25 -6.40 7.69
N PHE A 50 15.90 -7.63 7.35
CA PHE A 50 16.88 -8.65 7.02
C PHE A 50 16.98 -8.67 5.51
N VAL A 51 18.12 -8.22 5.00
CA VAL A 51 18.24 -7.92 3.58
C VAL A 51 19.09 -8.92 2.80
N VAL A 52 18.63 -9.27 1.60
CA VAL A 52 19.39 -10.08 0.67
C VAL A 52 20.22 -9.14 -0.20
N GLY A 53 21.42 -8.83 0.28
CA GLY A 53 22.30 -7.88 -0.38
C GLY A 53 22.32 -6.53 0.28
N GLN A 54 22.91 -5.56 -0.39
CA GLN A 54 23.09 -4.24 0.18
C GLN A 54 22.75 -3.10 -0.76
N ASP A 55 22.50 -3.43 -2.02
CA ASP A 55 22.27 -2.40 -3.04
C ASP A 55 20.83 -1.96 -3.06
N PRO A 56 20.55 -0.75 -3.58
CA PRO A 56 19.15 -0.37 -3.69
C PRO A 56 18.36 -1.40 -4.49
N GLY A 57 17.13 -1.66 -4.08
CA GLY A 57 16.28 -2.64 -4.74
C GLY A 57 16.45 -4.06 -4.25
N SER A 58 17.35 -4.27 -3.29
CA SER A 58 17.58 -5.60 -2.74
C SER A 58 16.31 -6.15 -2.10
N ASP A 59 16.08 -7.45 -2.26
CA ASP A 59 14.97 -8.13 -1.59
C ASP A 59 15.14 -8.08 -0.07
N VAL A 60 14.02 -7.98 0.65
CA VAL A 60 14.05 -7.96 2.10
C VAL A 60 13.34 -9.20 2.56
N ALA A 61 14.09 -10.16 3.11
CA ALA A 61 13.52 -11.42 3.58
C ALA A 61 12.49 -11.17 4.68
N PHE A 62 12.81 -10.25 5.58
CA PHE A 62 11.95 -9.96 6.73
C PHE A 62 12.06 -8.49 7.08
N HIS A 63 10.92 -7.81 6.96
CA HIS A 63 10.71 -6.41 7.34
C HIS A 63 9.83 -6.40 8.60
N PHE A 64 10.35 -5.83 9.67
CA PHE A 64 9.68 -5.76 10.97
C PHE A 64 9.44 -4.29 11.26
N ASN A 65 8.18 -3.90 11.38
CA ASN A 65 7.81 -2.48 11.28
C ASN A 65 6.77 -2.05 12.31
N PRO A 66 7.19 -1.73 13.55
CA PRO A 66 6.25 -1.13 14.50
C PRO A 66 5.74 0.24 14.05
N ARG A 67 4.44 0.46 14.24
CA ARG A 67 3.80 1.72 13.82
C ARG A 67 2.88 2.26 14.91
N PHE A 68 3.02 3.55 15.21
CA PHE A 68 2.18 4.22 16.22
C PHE A 68 1.08 5.09 15.60
N ASP A 69 1.07 5.19 14.28
CA ASP A 69 0.00 5.90 13.58
C ASP A 69 -1.26 5.04 13.59
N GLY A 70 -2.30 5.54 14.24
CA GLY A 70 -3.58 4.83 14.30
C GLY A 70 -3.69 3.86 15.44
N TRP A 71 -4.41 2.77 15.21
CA TRP A 71 -4.50 1.69 16.17
C TRP A 71 -3.10 1.01 16.16
N ASP A 72 -2.34 1.25 17.22
CA ASP A 72 -0.94 0.82 17.32
C ASP A 72 -0.78 -0.64 16.91
N LYS A 73 0.23 -0.92 16.08
CA LYS A 73 0.45 -2.28 15.60
C LYS A 73 1.89 -2.49 15.12
N VAL A 74 2.21 -3.76 14.88
CA VAL A 74 3.47 -4.12 14.22
C VAL A 74 3.14 -4.84 12.91
N VAL A 75 3.78 -4.39 11.84
CA VAL A 75 3.61 -4.98 10.52
C VAL A 75 4.83 -5.86 10.19
N PHE A 76 4.58 -6.98 9.53
CA PHE A 76 5.64 -7.91 9.13
C PHE A 76 5.44 -8.22 7.66
N ASN A 77 6.51 -8.17 6.87
CA ASN A 77 6.39 -8.49 5.46
C ASN A 77 7.73 -8.84 4.82
N THR A 78 7.63 -9.20 3.55
CA THR A 78 8.76 -9.52 2.72
C THR A 78 8.65 -8.71 1.42
N LEU A 79 9.80 -8.20 0.97
CA LEU A 79 9.88 -7.47 -0.29
C LEU A 79 10.67 -8.30 -1.28
N GLN A 80 10.04 -8.65 -2.39
CA GLN A 80 10.67 -9.49 -3.38
C GLN A 80 10.45 -8.93 -4.78
N GLY A 81 11.51 -8.79 -5.56
CA GLY A 81 11.45 -8.23 -6.91
C GLY A 81 10.74 -6.88 -6.94
N GLY A 82 10.95 -6.08 -5.90
CA GLY A 82 10.38 -4.74 -5.83
C GLY A 82 8.94 -4.68 -5.32
N LYS A 83 8.38 -5.85 -4.99
CA LYS A 83 6.97 -5.94 -4.59
C LYS A 83 6.81 -6.43 -3.16
N TRP A 84 6.02 -5.70 -2.38
CA TRP A 84 5.68 -6.15 -1.05
C TRP A 84 4.70 -7.29 -1.14
N GLY A 85 4.89 -8.30 -0.28
CA GLY A 85 3.99 -9.43 -0.21
C GLY A 85 2.77 -9.10 0.65
N SER A 86 2.07 -10.13 1.07
CA SER A 86 0.91 -9.96 1.94
C SER A 86 1.37 -9.67 3.37
N GLU A 87 1.11 -8.46 3.86
CA GLU A 87 1.51 -8.09 5.23
C GLU A 87 0.89 -9.02 6.24
N GLU A 88 1.66 -9.32 7.28
CA GLU A 88 1.09 -9.83 8.50
C GLU A 88 1.08 -8.69 9.50
N ARG A 89 0.11 -8.69 10.41
CA ARG A 89 -0.04 -7.61 11.38
C ARG A 89 -0.38 -8.17 12.73
N LYS A 90 0.19 -7.56 13.77
CA LYS A 90 -0.25 -7.87 15.11
C LYS A 90 -0.65 -6.57 15.78
N ARG A 91 -1.92 -6.49 16.18
CA ARG A 91 -2.48 -5.27 16.74
C ARG A 91 -2.16 -5.22 18.21
N SER A 92 -0.88 -5.28 18.50
CA SER A 92 -0.40 -5.13 19.86
C SER A 92 0.94 -4.41 19.73
N MET A 93 1.20 -3.50 20.65
CA MET A 93 2.38 -2.70 20.55
C MET A 93 3.21 -2.92 21.80
N PRO A 94 4.33 -3.65 21.66
CA PRO A 94 5.20 -3.95 22.80
C PRO A 94 6.20 -2.85 23.08
N PHE A 95 6.28 -1.86 22.19
CA PHE A 95 7.14 -0.71 22.40
C PHE A 95 6.36 0.43 23.03
N LYS A 96 7.08 1.40 23.56
CA LYS A 96 6.47 2.57 24.17
C LYS A 96 7.27 3.80 23.82
N LYS A 97 6.60 4.86 23.42
CA LYS A 97 7.29 6.11 23.09
C LYS A 97 8.16 6.57 24.26
N GLY A 98 9.43 6.81 23.97
CA GLY A 98 10.39 7.26 24.98
C GLY A 98 11.05 6.15 25.78
N ALA A 99 10.58 4.91 25.62
CA ALA A 99 11.07 3.79 26.44
C ALA A 99 12.14 2.94 25.77
N ALA A 100 13.13 2.52 26.57
CA ALA A 100 14.14 1.58 26.13
C ALA A 100 13.48 0.25 25.86
N PHE A 101 14.03 -0.49 24.90
CA PHE A 101 13.54 -1.83 24.62
C PHE A 101 14.69 -2.79 24.36
N GLU A 102 14.39 -4.07 24.53
CA GLU A 102 15.28 -5.14 24.17
C GLU A 102 14.55 -6.00 23.14
N LEU A 103 15.07 -6.03 21.92
CA LEU A 103 14.42 -6.63 20.78
C LEU A 103 15.27 -7.77 20.26
N VAL A 104 14.73 -8.97 20.28
CA VAL A 104 15.48 -10.14 19.91
C VAL A 104 14.81 -10.90 18.76
N PHE A 105 15.60 -11.26 17.76
CA PHE A 105 15.16 -12.11 16.67
C PHE A 105 15.90 -13.41 16.75
N ILE A 106 15.18 -14.49 17.05
CA ILE A 106 15.80 -15.78 17.11
C ILE A 106 15.54 -16.50 15.79
N VAL A 107 16.60 -16.83 15.09
CA VAL A 107 16.44 -17.45 13.77
C VAL A 107 16.26 -18.96 13.93
N LEU A 108 15.05 -19.44 13.63
CA LEU A 108 14.77 -20.87 13.69
C LEU A 108 14.45 -21.41 12.31
N ALA A 109 14.32 -22.73 12.19
CA ALA A 109 14.14 -23.34 10.87
C ALA A 109 12.87 -22.87 10.17
N GLU A 110 11.79 -22.73 10.92
CA GLU A 110 10.49 -22.42 10.34
C GLU A 110 10.20 -20.91 10.29
N HIS A 111 10.82 -20.16 11.19
CA HIS A 111 10.49 -18.74 11.29
C HIS A 111 11.52 -17.93 12.05
N TYR A 112 11.38 -16.61 11.95
CA TYR A 112 12.01 -15.67 12.89
C TYR A 112 11.12 -15.57 14.12
N LYS A 113 11.67 -15.84 15.29
CA LYS A 113 10.91 -15.68 16.51
C LYS A 113 11.27 -14.33 17.08
N VAL A 114 10.29 -13.45 17.18
CA VAL A 114 10.51 -12.14 17.74
C VAL A 114 10.17 -12.10 19.23
N VAL A 115 11.08 -11.58 20.03
CA VAL A 115 10.90 -11.45 21.47
C VAL A 115 11.17 -10.01 21.86
N VAL A 116 10.23 -9.38 22.56
CA VAL A 116 10.41 -7.99 22.97
C VAL A 116 10.29 -7.85 24.50
N ASN A 117 11.32 -7.28 25.09
CA ASN A 117 11.40 -7.11 26.55
C ASN A 117 11.12 -8.43 27.26
N GLY A 118 11.67 -9.50 26.70
CA GLY A 118 11.57 -10.83 27.30
C GLY A 118 10.31 -11.60 26.96
N ASN A 119 9.37 -10.93 26.31
CA ASN A 119 8.05 -11.51 26.02
C ASN A 119 7.98 -11.99 24.56
N PRO A 120 7.80 -13.30 24.33
CA PRO A 120 7.64 -13.75 22.95
C PRO A 120 6.48 -13.00 22.28
N PHE A 121 6.70 -12.48 21.07
CA PHE A 121 5.75 -11.55 20.44
C PHE A 121 5.16 -12.08 19.14
N TYR A 122 5.98 -12.68 18.29
CA TYR A 122 5.52 -13.08 16.98
C TYR A 122 6.47 -14.10 16.39
N GLU A 123 5.93 -14.96 15.52
CA GLU A 123 6.75 -15.90 14.75
C GLU A 123 6.46 -15.69 13.28
N TYR A 124 7.42 -15.11 12.57
CA TYR A 124 7.25 -14.80 11.15
C TYR A 124 7.86 -15.90 10.31
N GLY A 125 7.01 -16.63 9.61
CA GLY A 125 7.48 -17.71 8.72
C GLY A 125 8.38 -17.23 7.62
N HIS A 126 9.46 -17.97 7.34
CA HIS A 126 10.40 -17.60 6.29
C HIS A 126 9.70 -17.60 4.93
N ARG A 127 9.91 -16.54 4.17
CA ARG A 127 9.42 -16.48 2.79
C ARG A 127 10.55 -16.48 1.77
N LEU A 128 11.69 -15.88 2.13
CA LEU A 128 12.93 -16.06 1.40
C LEU A 128 13.92 -16.86 2.28
N PRO A 129 14.86 -17.58 1.64
CA PRO A 129 15.73 -18.46 2.42
C PRO A 129 16.62 -17.68 3.38
N LEU A 130 16.68 -18.10 4.64
CA LEU A 130 17.49 -17.37 5.61
C LEU A 130 18.97 -17.41 5.22
N GLN A 131 19.36 -18.46 4.49
CA GLN A 131 20.74 -18.62 4.07
C GLN A 131 21.19 -17.54 3.09
N MET A 132 20.24 -16.83 2.49
CA MET A 132 20.58 -15.79 1.51
C MET A 132 20.57 -14.36 2.05
N VAL A 133 20.16 -14.19 3.31
CA VAL A 133 20.26 -12.89 3.98
C VAL A 133 21.72 -12.56 4.24
N THR A 134 22.12 -11.34 3.91
CA THR A 134 23.50 -10.92 4.09
C THR A 134 23.64 -9.70 5.01
N HIS A 135 22.60 -8.89 5.10
CA HIS A 135 22.70 -7.60 5.79
C HIS A 135 21.57 -7.36 6.75
N LEU A 136 21.86 -6.56 7.78
CA LEU A 136 20.84 -6.04 8.68
C LEU A 136 20.74 -4.52 8.53
N GLN A 137 19.51 -4.05 8.35
CA GLN A 137 19.25 -2.62 8.18
C GLN A 137 18.25 -2.15 9.23
N VAL A 138 18.61 -1.10 9.96
CA VAL A 138 17.75 -0.55 10.98
C VAL A 138 17.68 0.97 10.81
N ASP A 139 16.47 1.52 10.88
CA ASP A 139 16.30 2.97 10.77
C ASP A 139 14.91 3.38 11.25
N GLY A 140 14.72 4.67 11.47
CA GLY A 140 13.44 5.18 11.91
C GLY A 140 13.53 6.00 13.19
N ASP A 141 12.41 6.09 13.89
CA ASP A 141 12.28 6.99 15.03
C ASP A 141 12.72 6.32 16.33
N LEU A 142 14.03 6.11 16.46
CA LEU A 142 14.62 5.50 17.64
C LEU A 142 16.06 5.92 17.77
N GLN A 143 16.63 5.66 18.94
CA GLN A 143 18.08 5.73 19.14
C GLN A 143 18.56 4.31 19.35
N LEU A 144 19.70 3.98 18.77
CA LEU A 144 20.26 2.65 18.85
C LEU A 144 21.36 2.64 19.89
N GLN A 145 21.29 1.71 20.83
CA GLN A 145 22.34 1.56 21.83
C GLN A 145 23.35 0.49 21.43
N SER A 146 22.86 -0.64 20.92
CA SER A 146 23.74 -1.72 20.51
C SER A 146 23.02 -2.73 19.66
N ILE A 147 23.78 -3.37 18.77
CA ILE A 147 23.29 -4.52 18.02
C ILE A 147 24.33 -5.61 18.13
N ASN A 148 23.89 -6.77 18.59
CA ASN A 148 24.77 -7.91 18.75
C ASN A 148 24.24 -9.13 18.03
N PHE A 149 25.15 -9.88 17.45
CA PHE A 149 24.81 -11.15 16.82
C PHE A 149 25.34 -12.26 17.70
N ILE A 150 24.43 -13.15 18.10
CA ILE A 150 24.73 -14.17 19.10
C ILE A 150 24.45 -15.54 18.50
N GLY A 151 25.37 -16.48 18.70
CA GLY A 151 25.13 -17.84 18.22
C GLY A 151 25.38 -18.04 16.73
N GLY A 152 26.19 -17.17 16.13
CA GLY A 152 26.56 -17.31 14.73
C GLY A 152 27.50 -18.50 14.56
N PRO B 15 -6.40 20.53 -3.08
CA PRO B 15 -6.51 19.07 -3.15
C PRO B 15 -7.48 18.65 -4.26
N THR B 16 -7.28 17.44 -4.77
CA THR B 16 -8.14 16.91 -5.83
C THR B 16 -8.96 15.74 -5.33
N LEU B 17 -10.13 15.55 -5.95
CA LEU B 17 -11.05 14.48 -5.59
C LEU B 17 -10.93 13.31 -6.56
N PRO B 18 -11.06 12.08 -6.05
CA PRO B 18 -11.33 11.84 -4.64
C PRO B 18 -10.11 12.10 -3.76
N TYR B 19 -10.36 12.51 -2.52
CA TYR B 19 -9.31 12.76 -1.55
C TYR B 19 -9.28 11.62 -0.54
N TYR B 20 -8.11 11.02 -0.34
CA TYR B 20 -8.01 9.88 0.59
C TYR B 20 -6.59 9.88 1.11
N GLN B 21 -6.39 10.50 2.26
CA GLN B 21 -5.06 10.80 2.79
C GLN B 21 -4.94 10.43 4.26
N PRO B 22 -3.72 10.11 4.72
CA PRO B 22 -3.55 9.82 6.13
C PRO B 22 -3.71 11.06 7.00
N ILE B 23 -4.29 10.88 8.18
CA ILE B 23 -4.30 11.92 9.18
C ILE B 23 -2.98 11.76 9.94
N PRO B 24 -2.10 12.76 9.82
CA PRO B 24 -0.77 12.65 10.38
C PRO B 24 -0.77 12.28 11.87
N GLY B 25 -0.27 11.09 12.17
CA GLY B 25 -0.16 10.62 13.55
C GLY B 25 -1.38 9.86 14.03
N GLY B 26 -2.37 9.74 13.17
CA GLY B 26 -3.66 9.14 13.53
C GLY B 26 -4.55 10.12 14.25
N LEU B 27 -5.85 9.84 14.28
CA LEU B 27 -6.82 10.71 14.97
C LEU B 27 -6.70 10.60 16.48
N ASN B 28 -6.81 11.74 17.16
CA ASN B 28 -6.75 11.78 18.61
C ASN B 28 -7.70 12.81 19.20
N VAL B 29 -8.11 12.59 20.45
CA VAL B 29 -8.99 13.51 21.14
C VAL B 29 -8.35 14.88 21.16
N GLY B 30 -9.12 15.91 20.84
CA GLY B 30 -8.60 17.27 20.84
C GLY B 30 -8.28 17.76 19.46
N MET B 31 -8.18 16.84 18.50
CA MET B 31 -7.88 17.23 17.14
C MET B 31 -9.09 17.81 16.43
N SER B 32 -8.84 18.63 15.43
CA SER B 32 -9.91 19.09 14.55
C SER B 32 -9.52 18.88 13.10
N VAL B 33 -10.54 18.72 12.26
CA VAL B 33 -10.38 18.70 10.83
C VAL B 33 -11.13 19.88 10.24
N TYR B 34 -10.42 20.68 9.46
CA TYR B 34 -10.99 21.89 8.87
C TYR B 34 -10.99 21.78 7.34
N ILE B 35 -12.19 21.74 6.75
CA ILE B 35 -12.35 21.57 5.32
C ILE B 35 -12.98 22.82 4.69
N GLN B 36 -12.33 23.35 3.67
CA GLN B 36 -12.89 24.45 2.90
C GLN B 36 -13.14 23.98 1.47
N GLY B 37 -14.36 24.20 1.01
CA GLY B 37 -14.76 23.77 -0.33
C GLY B 37 -15.95 24.54 -0.83
N VAL B 38 -16.42 24.16 -2.01
CA VAL B 38 -17.57 24.76 -2.65
C VAL B 38 -18.51 23.65 -3.05
N ALA B 39 -19.75 23.72 -2.57
CA ALA B 39 -20.75 22.76 -2.97
C ALA B 39 -21.10 22.98 -4.45
N SER B 40 -21.22 21.89 -5.20
CA SER B 40 -21.57 22.01 -6.63
C SER B 40 -22.92 22.69 -6.82
N GLU B 41 -23.03 23.49 -7.88
CA GLU B 41 -24.30 24.11 -8.22
C GLU B 41 -25.37 23.05 -8.47
N HIS B 42 -24.95 21.82 -8.80
CA HIS B 42 -25.91 20.73 -9.02
C HIS B 42 -25.75 19.61 -8.00
N MET B 43 -25.32 19.96 -6.80
CA MET B 43 -25.00 18.97 -5.79
C MET B 43 -26.17 18.06 -5.46
N LYS B 44 -25.90 16.76 -5.49
CA LYS B 44 -26.83 15.77 -4.96
C LYS B 44 -26.33 15.35 -3.57
N ARG B 45 -25.07 14.94 -3.50
CA ARG B 45 -24.46 14.52 -2.24
C ARG B 45 -22.95 14.70 -2.24
N PHE B 46 -22.37 14.81 -1.05
CA PHE B 46 -20.96 14.53 -0.88
C PHE B 46 -20.73 13.86 0.47
N PHE B 47 -19.53 13.36 0.71
CA PHE B 47 -19.25 12.73 1.99
C PHE B 47 -17.85 12.99 2.50
N VAL B 48 -17.74 12.93 3.82
CA VAL B 48 -16.47 12.95 4.49
C VAL B 48 -16.45 11.71 5.38
N ASN B 49 -15.44 10.86 5.19
CA ASN B 49 -15.27 9.65 5.98
C ASN B 49 -14.02 9.71 6.83
N PHE B 50 -14.16 9.28 8.08
CA PHE B 50 -13.02 9.03 8.95
C PHE B 50 -12.77 7.54 8.95
N VAL B 51 -11.66 7.13 8.32
CA VAL B 51 -11.46 5.73 7.95
C VAL B 51 -10.40 5.01 8.75
N VAL B 52 -10.69 3.76 9.07
CA VAL B 52 -9.73 2.90 9.75
C VAL B 52 -8.91 2.15 8.69
N GLY B 53 -7.78 2.72 8.30
CA GLY B 53 -6.92 2.13 7.28
C GLY B 53 -7.12 2.67 5.89
N GLN B 54 -6.40 2.09 4.93
CA GLN B 54 -6.42 2.57 3.56
C GLN B 54 -6.84 1.47 2.59
N ASP B 55 -7.02 0.25 3.09
CA ASP B 55 -7.33 -0.89 2.22
C ASP B 55 -8.81 -0.97 1.91
N PRO B 56 -9.15 -1.56 0.76
CA PRO B 56 -10.58 -1.72 0.48
C PRO B 56 -11.26 -2.48 1.60
N GLY B 57 -12.50 -2.12 1.91
CA GLY B 57 -13.27 -2.81 2.94
C GLY B 57 -13.00 -2.29 4.35
N SER B 58 -12.16 -1.27 4.45
CA SER B 58 -11.85 -0.66 5.73
C SER B 58 -13.12 -0.16 6.44
N ASP B 59 -13.16 -0.30 7.77
CA ASP B 59 -14.20 0.30 8.58
C ASP B 59 -14.17 1.83 8.46
N VAL B 60 -15.34 2.45 8.56
CA VAL B 60 -15.48 3.89 8.57
C VAL B 60 -16.09 4.31 9.90
N ALA B 61 -15.27 4.91 10.75
CA ALA B 61 -15.72 5.32 12.06
C ALA B 61 -16.85 6.34 12.00
N PHE B 62 -16.74 7.27 11.06
CA PHE B 62 -17.73 8.31 10.91
C PHE B 62 -17.86 8.72 9.43
N HIS B 63 -19.07 8.54 8.91
CA HIS B 63 -19.46 8.91 7.57
C HIS B 63 -20.43 10.09 7.70
N PHE B 64 -20.04 11.24 7.16
CA PHE B 64 -20.82 12.47 7.20
C PHE B 64 -21.30 12.75 5.78
N ASN B 65 -22.61 12.75 5.56
CA ASN B 65 -23.14 12.63 4.20
C ASN B 65 -24.32 13.57 3.93
N PRO B 66 -24.03 14.83 3.57
CA PRO B 66 -25.12 15.72 3.16
C PRO B 66 -25.79 15.24 1.88
N ARG B 67 -27.12 15.31 1.86
CA ARG B 67 -27.92 14.85 0.71
C ARG B 67 -29.01 15.86 0.36
N PHE B 68 -29.12 16.19 -0.91
CA PHE B 68 -30.18 17.06 -1.42
C PHE B 68 -31.35 16.29 -2.01
N ASP B 69 -31.20 14.97 -2.14
CA ASP B 69 -32.30 14.13 -2.62
C ASP B 69 -33.36 13.96 -1.53
N GLY B 70 -34.58 14.45 -1.80
CA GLY B 70 -35.71 14.28 -0.88
C GLY B 70 -35.78 15.40 0.15
N TRP B 71 -36.14 15.05 1.38
CA TRP B 71 -35.96 15.97 2.51
C TRP B 71 -34.48 16.32 2.52
N ASP B 72 -34.12 17.56 2.23
CA ASP B 72 -32.71 17.95 2.35
C ASP B 72 -32.25 17.58 3.74
N LYS B 73 -31.17 16.84 3.84
CA LYS B 73 -30.71 16.35 5.13
C LYS B 73 -29.23 16.00 5.13
N VAL B 74 -28.73 15.75 6.32
CA VAL B 74 -27.42 15.17 6.47
C VAL B 74 -27.57 13.82 7.14
N VAL B 75 -26.96 12.80 6.56
CA VAL B 75 -26.94 11.45 7.10
C VAL B 75 -25.61 11.21 7.79
N PHE B 76 -25.66 10.51 8.92
CA PHE B 76 -24.48 10.21 9.70
C PHE B 76 -24.49 8.73 9.99
N ASN B 77 -23.36 8.06 9.81
CA ASN B 77 -23.31 6.62 10.06
C ASN B 77 -21.90 6.09 10.23
N THR B 78 -21.85 4.79 10.56
CA THR B 78 -20.61 4.06 10.74
C THR B 78 -20.69 2.76 9.94
N LEU B 79 -19.57 2.41 9.31
CA LEU B 79 -19.42 1.15 8.58
C LEU B 79 -18.45 0.26 9.35
N GLN B 80 -18.93 -0.88 9.81
CA GLN B 80 -18.10 -1.77 10.62
C GLN B 80 -18.26 -3.19 10.11
N GLY B 81 -17.14 -3.86 9.86
CA GLY B 81 -17.17 -5.22 9.32
C GLY B 81 -17.99 -5.34 8.05
N GLY B 82 -17.95 -4.31 7.22
CA GLY B 82 -18.62 -4.35 5.92
C GLY B 82 -20.09 -3.98 5.96
N LYS B 83 -20.59 -3.63 7.14
CA LYS B 83 -22.01 -3.34 7.32
C LYS B 83 -22.26 -1.92 7.79
N TRP B 84 -23.17 -1.21 7.14
CA TRP B 84 -23.60 0.10 7.62
C TRP B 84 -24.47 -0.09 8.84
N GLY B 85 -24.31 0.78 9.83
CA GLY B 85 -25.15 0.75 11.03
C GLY B 85 -26.46 1.49 10.83
N SER B 86 -27.10 1.82 11.95
CA SER B 86 -28.34 2.59 11.93
C SER B 86 -28.04 4.06 11.71
N GLU B 87 -28.52 4.59 10.60
CA GLU B 87 -28.26 5.98 10.26
C GLU B 87 -28.83 6.93 11.28
N GLU B 88 -28.09 7.99 11.57
CA GLU B 88 -28.65 9.16 12.21
C GLU B 88 -28.89 10.17 11.12
N ARG B 89 -29.92 10.99 11.28
CA ARG B 89 -30.28 11.96 10.26
C ARG B 89 -30.63 13.27 10.91
N LYS B 90 -30.18 14.36 10.30
CA LYS B 90 -30.67 15.67 10.68
C LYS B 90 -31.27 16.30 9.44
N ARG B 91 -32.57 16.57 9.51
CA ARG B 91 -33.31 17.08 8.37
C ARG B 91 -33.15 18.58 8.27
N SER B 92 -31.89 19.01 8.20
CA SER B 92 -31.56 20.40 7.99
C SER B 92 -30.31 20.40 7.12
N MET B 93 -30.24 21.35 6.21
CA MET B 93 -29.16 21.39 5.26
C MET B 93 -28.40 22.71 5.39
N PRO B 94 -27.18 22.63 5.94
CA PRO B 94 -26.37 23.83 6.17
C PRO B 94 -25.55 24.25 4.96
N PHE B 95 -25.53 23.41 3.92
CA PHE B 95 -24.83 23.75 2.69
C PHE B 95 -25.80 24.36 1.68
N LYS B 96 -25.23 25.02 0.68
CA LYS B 96 -26.00 25.70 -0.37
C LYS B 96 -25.35 25.41 -1.72
N LYS B 97 -26.16 24.97 -2.67
CA LYS B 97 -25.66 24.66 -4.01
C LYS B 97 -24.92 25.87 -4.60
N GLY B 98 -23.68 25.63 -5.02
CA GLY B 98 -22.84 26.65 -5.63
C GLY B 98 -22.05 27.49 -4.64
N ALA B 99 -22.32 27.35 -3.35
CA ALA B 99 -21.72 28.22 -2.34
C ALA B 99 -20.52 27.62 -1.63
N ALA B 100 -19.52 28.46 -1.35
CA ALA B 100 -18.37 28.06 -0.55
C ALA B 100 -18.83 27.74 0.87
N PHE B 101 -18.15 26.79 1.51
CA PHE B 101 -18.44 26.44 2.90
C PHE B 101 -17.16 26.21 3.71
N GLU B 102 -17.30 26.30 5.03
CA GLU B 102 -16.25 25.90 5.96
C GLU B 102 -16.84 24.79 6.83
N LEU B 103 -16.19 23.65 6.82
CA LEU B 103 -16.70 22.47 7.51
C LEU B 103 -15.66 22.02 8.52
N VAL B 104 -16.03 22.06 9.79
CA VAL B 104 -15.10 21.76 10.87
C VAL B 104 -15.62 20.62 11.72
N PHE B 105 -14.75 19.65 11.96
CA PHE B 105 -15.03 18.53 12.85
C PHE B 105 -14.13 18.68 14.05
N ILE B 106 -14.71 18.96 15.21
CA ILE B 106 -13.94 19.04 16.45
C ILE B 106 -14.06 17.70 17.14
N VAL B 107 -12.94 17.00 17.29
CA VAL B 107 -12.99 15.65 17.83
C VAL B 107 -12.89 15.71 19.35
N LEU B 108 -14.00 15.44 20.01
CA LEU B 108 -14.04 15.45 21.47
C LEU B 108 -14.14 13.99 21.96
N ALA B 109 -13.95 13.78 23.25
CA ALA B 109 -13.99 12.43 23.81
C ALA B 109 -15.33 11.73 23.54
N GLU B 110 -16.41 12.48 23.64
CA GLU B 110 -17.76 11.90 23.54
C GLU B 110 -18.29 11.79 22.12
N HIS B 111 -17.85 12.70 21.26
CA HIS B 111 -18.42 12.80 19.91
C HIS B 111 -17.59 13.68 18.99
N TYR B 112 -17.88 13.56 17.69
CA TYR B 112 -17.43 14.53 16.70
C TYR B 112 -18.40 15.71 16.72
N LYS B 113 -17.90 16.91 16.99
CA LYS B 113 -18.74 18.07 16.96
C LYS B 113 -18.59 18.71 15.59
N VAL B 114 -19.67 18.71 14.82
CA VAL B 114 -19.64 19.24 13.48
C VAL B 114 -20.10 20.68 13.47
N VAL B 115 -19.29 21.55 12.88
CA VAL B 115 -19.60 22.98 12.81
C VAL B 115 -19.51 23.41 11.35
N VAL B 116 -20.60 23.98 10.84
CA VAL B 116 -20.62 24.39 9.45
C VAL B 116 -20.81 25.89 9.35
N ASN B 117 -19.89 26.56 8.67
CA ASN B 117 -19.90 28.01 8.52
C ASN B 117 -20.01 28.73 9.85
N GLY B 118 -19.33 28.18 10.84
CA GLY B 118 -19.30 28.75 12.18
C GLY B 118 -20.47 28.37 13.06
N ASN B 119 -21.45 27.65 12.51
CA ASN B 119 -22.66 27.29 13.24
C ASN B 119 -22.61 25.82 13.70
N PRO B 120 -22.58 25.57 15.01
CA PRO B 120 -22.63 24.17 15.48
C PRO B 120 -23.84 23.44 14.89
N PHE B 121 -23.63 22.26 14.34
CA PHE B 121 -24.64 21.58 13.52
C PHE B 121 -25.07 20.24 14.11
N TYR B 122 -24.12 19.45 14.57
CA TYR B 122 -24.44 18.09 15.03
C TYR B 122 -23.34 17.57 15.91
N GLU B 123 -23.70 16.66 16.80
CA GLU B 123 -22.72 15.95 17.61
C GLU B 123 -22.93 14.45 17.40
N TYR B 124 -21.98 13.80 16.72
CA TYR B 124 -22.07 12.37 16.40
C TYR B 124 -21.29 11.56 17.41
N GLY B 125 -22.01 10.81 18.25
CA GLY B 125 -21.38 9.99 19.26
C GLY B 125 -20.50 8.91 18.64
N HIS B 126 -19.33 8.70 19.22
CA HIS B 126 -18.40 7.67 18.74
C HIS B 126 -19.02 6.28 18.83
N ARG B 127 -18.89 5.53 17.75
CA ARG B 127 -19.29 4.14 17.72
C ARG B 127 -18.08 3.21 17.67
N LEU B 128 -17.10 3.58 16.85
CA LEU B 128 -15.79 2.94 16.85
C LEU B 128 -14.82 3.84 17.59
N PRO B 129 -13.91 3.26 18.38
CA PRO B 129 -12.91 4.08 19.07
C PRO B 129 -12.16 4.98 18.10
N LEU B 130 -12.16 6.28 18.39
CA LEU B 130 -11.70 7.26 17.41
C LEU B 130 -10.21 7.09 17.06
N GLN B 131 -9.42 6.54 17.97
CA GLN B 131 -7.99 6.39 17.72
C GLN B 131 -7.69 5.34 16.65
N MET B 132 -8.69 4.55 16.28
CA MET B 132 -8.54 3.62 15.18
C MET B 132 -8.43 4.34 13.84
N VAL B 133 -8.91 5.58 13.77
CA VAL B 133 -8.95 6.29 12.51
C VAL B 133 -7.57 6.71 12.05
N THR B 134 -7.23 6.40 10.80
CA THR B 134 -5.92 6.73 10.26
C THR B 134 -6.00 7.64 9.04
N HIS B 135 -7.15 7.66 8.38
CA HIS B 135 -7.30 8.35 7.11
C HIS B 135 -8.56 9.20 7.04
N LEU B 136 -8.48 10.23 6.22
CA LEU B 136 -9.64 11.02 5.86
C LEU B 136 -9.93 10.84 4.36
N GLN B 137 -11.19 10.56 4.04
CA GLN B 137 -11.62 10.35 2.66
C GLN B 137 -12.76 11.31 2.34
N VAL B 138 -12.64 12.06 1.24
CA VAL B 138 -13.65 13.04 0.85
C VAL B 138 -13.95 12.90 -0.64
N ASP B 139 -15.23 12.92 -1.00
CA ASP B 139 -15.63 12.83 -2.41
C ASP B 139 -17.06 13.27 -2.61
N GLY B 140 -17.45 13.48 -3.87
CA GLY B 140 -18.84 13.82 -4.19
C GLY B 140 -18.95 15.11 -4.98
N ASP B 141 -20.10 15.76 -4.86
CA ASP B 141 -20.46 16.90 -5.71
C ASP B 141 -19.99 18.21 -5.08
N LEU B 142 -18.67 18.40 -5.08
CA LEU B 142 -18.06 19.59 -4.52
C LEU B 142 -16.68 19.79 -5.12
N GLN B 143 -16.16 20.99 -4.94
CA GLN B 143 -14.76 21.29 -5.24
C GLN B 143 -14.08 21.54 -3.90
N LEU B 144 -12.88 21.00 -3.76
CA LEU B 144 -12.15 21.09 -2.51
C LEU B 144 -11.11 22.20 -2.62
N GLN B 145 -11.09 23.13 -1.67
CA GLN B 145 -10.09 24.19 -1.66
C GLN B 145 -8.94 23.88 -0.70
N SER B 146 -9.24 23.31 0.47
CA SER B 146 -8.21 22.94 1.41
C SER B 146 -8.73 22.01 2.49
N ILE B 147 -7.84 21.18 3.00
CA ILE B 147 -8.10 20.37 4.17
C ILE B 147 -6.93 20.49 5.14
N ASN B 148 -7.23 20.82 6.39
CA ASN B 148 -6.19 20.93 7.40
C ASN B 148 -6.52 20.15 8.67
N PHE B 149 -5.49 19.53 9.24
CA PHE B 149 -5.62 18.79 10.48
C PHE B 149 -5.01 19.59 11.60
N ILE B 150 -5.79 19.80 12.66
CA ILE B 150 -5.38 20.71 13.71
C ILE B 150 -5.26 20.03 15.06
N GLY B 151 -4.27 20.47 15.83
CA GLY B 151 -4.20 20.15 17.26
C GLY B 151 -3.75 18.72 17.47
N PRO C 15 28.37 -4.46 -21.07
CA PRO C 15 28.26 -4.45 -19.62
C PRO C 15 27.45 -5.62 -19.11
N THR C 16 27.71 -6.04 -17.87
CA THR C 16 26.97 -7.13 -17.25
C THR C 16 26.09 -6.63 -16.11
N LEU C 17 25.01 -7.35 -15.86
CA LEU C 17 24.09 -7.03 -14.76
C LEU C 17 24.38 -7.91 -13.55
N PRO C 18 24.20 -7.37 -12.35
CA PRO C 18 23.78 -5.99 -12.15
C PRO C 18 24.87 -4.99 -12.51
N TYR C 19 24.44 -3.81 -12.96
CA TYR C 19 25.36 -2.74 -13.30
C TYR C 19 25.29 -1.68 -12.19
N TYR C 20 26.42 -1.31 -11.63
CA TYR C 20 26.43 -0.31 -10.56
C TYR C 20 27.79 0.36 -10.65
N GLN C 21 27.85 1.45 -11.39
CA GLN C 21 29.13 2.07 -11.75
C GLN C 21 29.11 3.56 -11.49
N PRO C 22 30.30 4.14 -11.24
CA PRO C 22 30.34 5.57 -11.05
C PRO C 22 30.09 6.31 -12.35
N ILE C 23 29.40 7.44 -12.26
CA ILE C 23 29.23 8.32 -13.39
C ILE C 23 30.46 9.22 -13.49
N PRO C 24 31.20 9.11 -14.60
CA PRO C 24 32.45 9.86 -14.73
C PRO C 24 32.23 11.36 -14.61
N GLY C 25 32.81 11.96 -13.57
CA GLY C 25 32.72 13.39 -13.38
C GLY C 25 31.42 13.77 -12.68
N GLY C 26 30.69 12.76 -12.25
CA GLY C 26 29.42 12.99 -11.60
C GLY C 26 28.41 13.51 -12.58
N LEU C 27 27.21 13.65 -12.08
CA LEU C 27 26.14 14.15 -12.90
C LEU C 27 26.25 15.68 -13.02
N ASN C 28 26.00 16.20 -14.22
CA ASN C 28 25.95 17.64 -14.45
C ASN C 28 24.87 18.02 -15.45
N VAL C 29 24.34 19.23 -15.33
CA VAL C 29 23.36 19.73 -16.30
C VAL C 29 23.98 19.69 -17.69
N GLY C 30 23.23 19.19 -18.67
CA GLY C 30 23.72 19.09 -20.04
C GLY C 30 24.13 17.67 -20.40
N MET C 31 24.37 16.85 -19.38
CA MET C 31 24.80 15.48 -19.59
C MET C 31 23.64 14.61 -20.06
N SER C 32 23.93 13.60 -20.86
CA SER C 32 22.94 12.58 -21.20
C SER C 32 23.48 11.21 -20.84
N VAL C 33 22.60 10.33 -20.39
CA VAL C 33 22.91 8.93 -20.18
C VAL C 33 22.17 8.15 -21.24
N TYR C 34 22.93 7.39 -22.02
CA TYR C 34 22.39 6.65 -23.14
C TYR C 34 22.56 5.15 -22.90
N ILE C 35 21.44 4.45 -22.76
CA ILE C 35 21.45 3.02 -22.46
C ILE C 35 20.86 2.27 -23.65
N GLN C 36 21.60 1.28 -24.14
CA GLN C 36 21.11 0.40 -25.17
C GLN C 36 21.05 -1.01 -24.62
N GLY C 37 19.87 -1.61 -24.72
CA GLY C 37 19.66 -2.95 -24.18
C GLY C 37 18.52 -3.65 -24.87
N VAL C 38 18.24 -4.85 -24.39
CA VAL C 38 17.12 -5.64 -24.87
C VAL C 38 16.27 -6.08 -23.69
N ALA C 39 15.00 -5.73 -23.73
CA ALA C 39 14.07 -6.15 -22.69
C ALA C 39 13.88 -7.66 -22.79
N SER C 40 13.90 -8.35 -21.65
CA SER C 40 13.73 -9.78 -21.65
C SER C 40 12.37 -10.18 -22.24
N GLU C 41 12.36 -11.30 -22.96
CA GLU C 41 11.12 -11.86 -23.46
C GLU C 41 10.16 -12.16 -22.30
N HIS C 42 10.73 -12.35 -21.11
CA HIS C 42 9.98 -12.67 -19.91
C HIS C 42 9.95 -11.52 -18.90
N MET C 43 10.12 -10.30 -19.39
CA MET C 43 10.28 -9.15 -18.50
C MET C 43 9.07 -8.90 -17.60
N LYS C 44 9.34 -8.71 -16.31
CA LYS C 44 8.33 -8.21 -15.36
C LYS C 44 8.63 -6.74 -15.02
N ARG C 45 9.88 -6.47 -14.65
CA ARG C 45 10.32 -5.10 -14.38
C ARG C 45 11.84 -4.97 -14.62
N PHE C 46 12.28 -3.75 -14.84
CA PHE C 46 13.68 -3.42 -14.60
C PHE C 46 13.73 -2.02 -14.01
N PHE C 47 14.91 -1.62 -13.57
CA PHE C 47 15.04 -0.26 -13.07
C PHE C 47 16.40 0.35 -13.39
N VAL C 48 16.39 1.67 -13.46
CA VAL C 48 17.58 2.47 -13.58
C VAL C 48 17.53 3.46 -12.41
N ASN C 49 18.56 3.43 -11.59
CA ASN C 49 18.67 4.33 -10.43
C ASN C 49 19.85 5.29 -10.59
N PHE C 50 19.60 6.57 -10.29
CA PHE C 50 20.65 7.55 -10.13
C PHE C 50 20.92 7.63 -8.64
N VAL C 51 22.07 7.14 -8.23
CA VAL C 51 22.33 6.88 -6.83
C VAL C 51 23.35 7.84 -6.20
N VAL C 52 23.07 8.23 -4.95
CA VAL C 52 23.99 9.04 -4.15
C VAL C 52 24.91 8.14 -3.34
N GLY C 53 26.06 7.79 -3.91
CA GLY C 53 27.03 6.94 -3.22
C GLY C 53 26.93 5.46 -3.54
N GLN C 54 27.75 4.67 -2.87
CA GLN C 54 27.81 3.23 -3.11
C GLN C 54 27.77 2.45 -1.81
N ASP C 55 27.54 3.15 -0.69
CA ASP C 55 27.42 2.48 0.60
C ASP C 55 26.00 1.93 0.77
N PRO C 56 25.85 0.87 1.57
CA PRO C 56 24.51 0.33 1.77
C PRO C 56 23.56 1.38 2.32
N GLY C 57 22.33 1.42 1.81
CA GLY C 57 21.35 2.38 2.26
C GLY C 57 21.41 3.72 1.54
N SER C 58 22.21 3.81 0.48
CA SER C 58 22.32 5.05 -0.29
C SER C 58 20.98 5.59 -0.82
N ASP C 59 20.82 6.91 -0.79
CA ASP C 59 19.69 7.61 -1.41
C ASP C 59 19.68 7.40 -2.94
N VAL C 60 18.49 7.36 -3.50
CA VAL C 60 18.32 7.26 -4.94
C VAL C 60 17.63 8.54 -5.39
N ALA C 61 18.38 9.41 -6.06
CA ALA C 61 17.82 10.68 -6.53
C ALA C 61 16.69 10.46 -7.52
N PHE C 62 16.85 9.47 -8.40
CA PHE C 62 15.87 9.19 -9.44
C PHE C 62 15.85 7.67 -9.72
N HIS C 63 14.68 7.09 -9.49
CA HIS C 63 14.36 5.67 -9.74
C HIS C 63 13.38 5.65 -10.92
N PHE C 64 13.78 4.95 -11.98
CA PHE C 64 13.00 4.83 -13.21
C PHE C 64 12.66 3.35 -13.36
N ASN C 65 11.37 3.02 -13.32
CA ASN C 65 10.96 1.64 -13.08
C ASN C 65 9.81 1.19 -13.98
N PRO C 66 10.12 0.72 -15.20
CA PRO C 66 9.07 0.13 -16.04
C PRO C 66 8.52 -1.17 -15.44
N ARG C 67 7.19 -1.32 -15.46
CA ARG C 67 6.53 -2.48 -14.88
C ARG C 67 5.47 -3.06 -15.82
N PHE C 68 5.49 -4.37 -16.00
CA PHE C 68 4.49 -5.08 -16.80
C PHE C 68 3.41 -5.75 -15.92
N ASP C 69 3.61 -5.74 -14.61
CA ASP C 69 2.61 -6.30 -13.68
C ASP C 69 1.44 -5.33 -13.57
N GLY C 70 0.27 -5.76 -14.02
CA GLY C 70 -0.91 -4.90 -14.03
C GLY C 70 -1.03 -4.07 -15.30
N TRP C 71 -1.59 -2.87 -15.16
CA TRP C 71 -1.70 -1.94 -16.27
C TRP C 71 -0.30 -1.42 -16.56
N ASP C 72 0.24 -1.80 -17.72
CA ASP C 72 1.65 -1.53 -18.04
C ASP C 72 1.96 -0.07 -17.82
N LYS C 73 3.02 0.21 -17.07
CA LYS C 73 3.36 1.59 -16.74
C LYS C 73 4.83 1.76 -16.39
N VAL C 74 5.22 3.01 -16.26
CA VAL C 74 6.53 3.34 -15.70
C VAL C 74 6.35 4.18 -14.43
N VAL C 75 7.05 3.77 -13.38
CA VAL C 75 7.01 4.44 -12.10
C VAL C 75 8.28 5.27 -11.94
N PHE C 76 8.13 6.46 -11.37
CA PHE C 76 9.25 7.37 -11.12
C PHE C 76 9.21 7.78 -9.64
N ASN C 77 10.34 7.73 -8.97
CA ASN C 77 10.38 8.11 -7.55
C ASN C 77 11.79 8.41 -7.07
N THR C 78 11.84 8.86 -5.83
CA THR C 78 13.07 9.17 -5.13
C THR C 78 13.06 8.48 -3.76
N LEU C 79 14.21 7.92 -3.39
CA LEU C 79 14.42 7.29 -2.08
C LEU C 79 15.39 8.15 -1.29
N GLN C 80 14.91 8.70 -0.18
CA GLN C 80 15.70 9.62 0.61
C GLN C 80 15.53 9.30 2.08
N GLY C 81 16.64 9.18 2.78
CA GLY C 81 16.62 8.88 4.21
C GLY C 81 15.83 7.63 4.51
N GLY C 82 15.92 6.64 3.62
CA GLY C 82 15.29 5.35 3.84
C GLY C 82 13.83 5.29 3.42
N LYS C 83 13.31 6.38 2.89
CA LYS C 83 11.87 6.46 2.58
C LYS C 83 11.61 6.75 1.10
N TRP C 84 10.72 5.97 0.49
CA TRP C 84 10.26 6.30 -0.85
C TRP C 84 9.31 7.49 -0.78
N GLY C 85 9.39 8.38 -1.75
CA GLY C 85 8.50 9.52 -1.84
C GLY C 85 7.19 9.17 -2.52
N SER C 86 6.46 10.18 -2.96
CA SER C 86 5.22 9.96 -3.72
C SER C 86 5.58 9.57 -5.13
N GLU C 87 5.17 8.38 -5.52
CA GLU C 87 5.45 7.92 -6.88
C GLU C 87 4.79 8.80 -7.91
N GLU C 88 5.50 9.05 -8.99
CA GLU C 88 4.88 9.56 -10.19
C GLU C 88 4.76 8.38 -11.13
N ARG C 89 3.74 8.39 -11.98
CA ARG C 89 3.45 7.25 -12.83
C ARG C 89 3.01 7.72 -14.20
N LYS C 90 3.44 6.99 -15.21
CA LYS C 90 2.90 7.19 -16.55
C LYS C 90 2.43 5.87 -17.09
N ARG C 91 1.13 5.80 -17.39
CA ARG C 91 0.49 4.55 -17.79
C ARG C 91 0.68 4.30 -19.27
N SER C 92 1.93 4.31 -19.68
CA SER C 92 2.30 4.00 -21.03
C SER C 92 3.59 3.23 -20.96
N MET C 93 3.74 2.24 -21.81
CA MET C 93 4.90 1.36 -21.76
C MET C 93 5.63 1.44 -23.09
N PRO C 94 6.79 2.11 -23.09
CA PRO C 94 7.52 2.32 -24.33
C PRO C 94 8.45 1.15 -24.65
N PHE C 95 8.58 0.20 -23.73
CA PHE C 95 9.35 -1.01 -23.95
C PHE C 95 8.46 -2.14 -24.42
N LYS C 96 9.09 -3.17 -24.96
CA LYS C 96 8.41 -4.34 -25.48
C LYS C 96 9.21 -5.59 -25.12
N LYS C 97 8.54 -6.61 -24.60
CA LYS C 97 9.22 -7.85 -24.24
C LYS C 97 9.97 -8.40 -25.44
N GLY C 98 11.24 -8.67 -25.24
CA GLY C 98 12.10 -9.23 -26.28
C GLY C 98 12.71 -8.22 -27.23
N ALA C 99 12.31 -6.95 -27.13
CA ALA C 99 12.76 -5.93 -28.07
C ALA C 99 13.94 -5.09 -27.58
N ALA C 100 14.84 -4.77 -28.51
CA ALA C 100 15.92 -3.82 -28.25
C ALA C 100 15.34 -2.44 -28.00
N PHE C 101 16.00 -1.65 -27.17
CA PHE C 101 15.56 -0.28 -26.91
C PHE C 101 16.73 0.68 -26.82
N GLU C 102 16.43 1.96 -26.99
CA GLU C 102 17.38 3.03 -26.78
C GLU C 102 16.77 3.95 -25.73
N LEU C 103 17.42 4.05 -24.58
CA LEU C 103 16.87 4.77 -23.42
C LEU C 103 17.82 5.90 -23.07
N VAL C 104 17.31 7.13 -23.15
CA VAL C 104 18.12 8.31 -22.94
C VAL C 104 17.55 9.16 -21.80
N PHE C 105 18.45 9.57 -20.91
CA PHE C 105 18.14 10.50 -19.85
C PHE C 105 18.92 11.78 -20.09
N ILE C 106 18.23 12.86 -20.40
CA ILE C 106 18.88 14.16 -20.58
C ILE C 106 18.76 14.95 -19.27
N VAL C 107 19.89 15.26 -18.66
CA VAL C 107 19.88 15.95 -17.37
C VAL C 107 19.76 17.45 -17.57
N LEU C 108 18.62 18.02 -17.20
CA LEU C 108 18.42 19.44 -17.35
C LEU C 108 18.29 20.07 -15.97
N ALA C 109 18.29 21.39 -15.93
CA ALA C 109 18.28 22.10 -14.65
C ALA C 109 17.04 21.77 -13.82
N GLU C 110 15.89 21.64 -14.48
CA GLU C 110 14.62 21.46 -13.76
C GLU C 110 14.27 20.00 -13.54
N HIS C 111 14.75 19.13 -14.42
CA HIS C 111 14.33 17.73 -14.38
C HIS C 111 15.22 16.84 -15.22
N TYR C 112 15.02 15.54 -15.03
CA TYR C 112 15.51 14.52 -15.95
C TYR C 112 14.52 14.38 -17.09
N LYS C 113 14.97 14.55 -18.33
CA LYS C 113 14.09 14.33 -19.45
C LYS C 113 14.35 12.92 -19.95
N VAL C 114 13.31 12.08 -19.93
CA VAL C 114 13.46 10.71 -20.41
C VAL C 114 12.97 10.57 -21.84
N VAL C 115 13.79 9.95 -22.69
CA VAL C 115 13.44 9.76 -24.10
C VAL C 115 13.65 8.29 -24.45
N VAL C 116 12.62 7.63 -24.96
CA VAL C 116 12.71 6.20 -25.27
C VAL C 116 12.44 5.93 -26.75
N ASN C 117 13.40 5.27 -27.40
CA ASN C 117 13.33 4.99 -28.83
C ASN C 117 13.02 6.25 -29.62
N GLY C 118 13.64 7.34 -29.20
CA GLY C 118 13.53 8.63 -29.89
C GLY C 118 12.34 9.48 -29.49
N ASN C 119 11.45 8.91 -28.68
CA ASN C 119 10.19 9.58 -28.30
C ASN C 119 10.26 10.16 -26.88
N PRO C 120 10.16 11.50 -26.76
CA PRO C 120 10.14 12.09 -25.41
C PRO C 120 9.04 11.46 -24.58
N PHE C 121 9.39 11.03 -23.37
CA PHE C 121 8.51 10.18 -22.58
C PHE C 121 8.05 10.82 -21.26
N TYR C 122 8.97 11.45 -20.53
CA TYR C 122 8.65 11.96 -19.20
C TYR C 122 9.68 13.00 -18.76
N GLU C 123 9.25 13.92 -17.91
CA GLU C 123 10.15 14.88 -17.27
C GLU C 123 9.99 14.78 -15.76
N TYR C 124 11.01 14.24 -15.10
CA TYR C 124 10.96 14.03 -13.65
C TYR C 124 11.70 15.15 -12.93
N GLY C 125 10.95 15.98 -12.20
CA GLY C 125 11.54 17.09 -11.46
C GLY C 125 12.49 16.67 -10.37
N HIS C 126 13.61 17.40 -10.23
CA HIS C 126 14.63 17.07 -9.25
C HIS C 126 14.08 17.21 -7.82
N ARG C 127 14.26 16.16 -7.01
CA ARG C 127 13.88 16.22 -5.61
C ARG C 127 15.13 16.32 -4.73
N LEU C 128 16.16 15.53 -5.07
CA LEU C 128 17.49 15.67 -4.50
C LEU C 128 18.37 16.41 -5.51
N PRO C 129 19.28 17.28 -5.05
CA PRO C 129 20.17 17.98 -5.99
C PRO C 129 20.92 17.00 -6.90
N LEU C 130 20.87 17.24 -8.20
CA LEU C 130 21.44 16.28 -9.14
C LEU C 130 22.96 16.11 -8.96
N GLN C 131 23.63 17.14 -8.42
CA GLN C 131 25.08 17.06 -8.23
C GLN C 131 25.48 16.05 -7.16
N MET C 132 24.53 15.60 -6.36
CA MET C 132 24.86 14.62 -5.34
C MET C 132 24.94 13.19 -5.90
N VAL C 133 24.45 12.98 -7.12
CA VAL C 133 24.48 11.66 -7.74
C VAL C 133 25.89 11.27 -8.13
N THR C 134 26.30 10.06 -7.77
CA THR C 134 27.64 9.57 -8.08
C THR C 134 27.64 8.32 -8.95
N HIS C 135 26.54 7.57 -8.91
CA HIS C 135 26.51 6.25 -9.52
C HIS C 135 25.25 6.03 -10.33
N LEU C 136 25.39 5.19 -11.35
CA LEU C 136 24.26 4.68 -12.09
C LEU C 136 24.13 3.19 -11.81
N GLN C 137 22.92 2.78 -11.47
CA GLN C 137 22.61 1.38 -11.17
C GLN C 137 21.51 0.90 -12.09
N VAL C 138 21.74 -0.24 -12.73
CA VAL C 138 20.76 -0.83 -13.60
C VAL C 138 20.64 -2.31 -13.31
N ASP C 139 19.42 -2.81 -13.22
CA ASP C 139 19.19 -4.23 -12.97
C ASP C 139 17.77 -4.60 -13.33
N GLY C 140 17.54 -5.90 -13.45
CA GLY C 140 16.21 -6.41 -13.73
C GLY C 140 16.19 -7.31 -14.94
N ASP C 141 15.03 -7.39 -15.57
CA ASP C 141 14.78 -8.35 -16.64
C ASP C 141 15.15 -7.78 -18.02
N LEU C 142 16.47 -7.66 -18.27
CA LEU C 142 16.97 -7.14 -19.54
C LEU C 142 18.40 -7.61 -19.76
N GLN C 143 18.88 -7.45 -20.98
CA GLN C 143 20.30 -7.58 -21.30
C GLN C 143 20.81 -6.20 -21.68
N LEU C 144 22.00 -5.84 -21.20
CA LEU C 144 22.61 -4.56 -21.55
C LEU C 144 23.58 -4.72 -22.69
N GLN C 145 23.47 -3.85 -23.69
CA GLN C 145 24.44 -3.80 -24.78
C GLN C 145 25.49 -2.72 -24.51
N SER C 146 25.07 -1.55 -24.05
CA SER C 146 26.00 -0.48 -23.76
C SER C 146 25.39 0.60 -22.89
N ILE C 147 26.23 1.24 -22.09
CA ILE C 147 25.85 2.46 -21.37
C ILE C 147 26.90 3.52 -21.63
N ASN C 148 26.46 4.67 -22.12
CA ASN C 148 27.35 5.77 -22.47
C ASN C 148 26.94 7.07 -21.79
N PHE C 149 27.92 7.85 -21.38
CA PHE C 149 27.69 9.16 -20.81
C PHE C 149 28.16 10.23 -21.79
N ILE C 150 27.28 11.15 -22.12
CA ILE C 150 27.52 12.16 -23.15
C ILE C 150 27.33 13.56 -22.56
N GLY C 151 28.17 14.51 -22.98
CA GLY C 151 27.98 15.90 -22.54
C GLY C 151 28.40 16.15 -21.11
N GLY C 152 29.30 15.30 -20.61
CA GLY C 152 29.78 15.40 -19.25
C GLY C 152 30.70 16.60 -19.09
N PRO D 15 -1.41 -18.97 4.17
CA PRO D 15 -1.57 -17.51 4.17
C PRO D 15 -2.33 -17.05 5.40
N THR D 16 -2.08 -15.80 5.81
CA THR D 16 -2.76 -15.23 6.97
C THR D 16 -3.67 -14.10 6.56
N LEU D 17 -4.75 -13.91 7.31
CA LEU D 17 -5.70 -12.84 7.05
C LEU D 17 -5.38 -11.63 7.92
N PRO D 18 -5.54 -10.42 7.38
CA PRO D 18 -6.00 -10.21 6.00
C PRO D 18 -4.95 -10.54 4.95
N TYR D 19 -5.40 -11.04 3.81
CA TYR D 19 -4.52 -11.41 2.71
C TYR D 19 -4.62 -10.34 1.63
N TYR D 20 -3.49 -9.83 1.18
CA TYR D 20 -3.49 -8.76 0.18
C TYR D 20 -2.18 -8.91 -0.58
N GLN D 21 -2.25 -9.67 -1.67
CA GLN D 21 -1.08 -10.26 -2.27
C GLN D 21 -0.98 -9.89 -3.74
N PRO D 22 0.23 -9.61 -4.22
CA PRO D 22 0.29 -9.32 -5.64
C PRO D 22 0.09 -10.60 -6.46
N ILE D 23 -0.68 -10.50 -7.53
CA ILE D 23 -0.90 -11.60 -8.46
C ILE D 23 0.29 -11.68 -9.40
N PRO D 24 0.99 -12.82 -9.41
CA PRO D 24 2.22 -12.88 -10.20
C PRO D 24 1.96 -12.57 -11.67
N GLY D 25 2.55 -11.48 -12.17
CA GLY D 25 2.41 -11.08 -13.56
C GLY D 25 1.18 -10.22 -13.81
N GLY D 26 0.44 -9.93 -12.74
CA GLY D 26 -0.85 -9.27 -12.84
C GLY D 26 -1.91 -10.24 -13.32
N LEU D 27 -3.17 -9.80 -13.27
CA LEU D 27 -4.26 -10.62 -13.77
C LEU D 27 -4.28 -10.66 -15.29
N ASN D 28 -4.53 -11.84 -15.84
CA ASN D 28 -4.58 -12.02 -17.28
C ASN D 28 -5.62 -13.08 -17.67
N VAL D 29 -6.16 -12.95 -18.87
CA VAL D 29 -7.11 -13.94 -19.38
C VAL D 29 -6.45 -15.30 -19.35
N GLY D 30 -7.19 -16.33 -18.94
CA GLY D 30 -6.65 -17.68 -18.91
C GLY D 30 -6.26 -18.12 -17.51
N MET D 31 -6.09 -17.15 -16.62
CA MET D 31 -5.66 -17.45 -15.27
C MET D 31 -6.81 -18.02 -14.45
N SER D 32 -6.49 -18.92 -13.52
CA SER D 32 -7.46 -19.36 -12.53
C SER D 32 -6.89 -19.07 -11.15
N VAL D 33 -7.74 -18.60 -10.26
CA VAL D 33 -7.39 -18.37 -8.87
C VAL D 33 -8.08 -19.44 -8.06
N TYR D 34 -7.29 -20.26 -7.37
CA TYR D 34 -7.81 -21.36 -6.56
C TYR D 34 -7.63 -21.03 -5.11
N ILE D 35 -8.75 -20.90 -4.39
CA ILE D 35 -8.72 -20.60 -2.98
C ILE D 35 -9.31 -21.77 -2.22
N GLN D 36 -8.52 -22.30 -1.31
CA GLN D 36 -8.98 -23.38 -0.45
C GLN D 36 -9.00 -22.84 0.97
N GLY D 37 -10.19 -22.87 1.57
CA GLY D 37 -10.36 -22.33 2.92
C GLY D 37 -11.49 -23.03 3.65
N VAL D 38 -11.75 -22.56 4.86
CA VAL D 38 -12.84 -23.07 5.68
C VAL D 38 -13.67 -21.88 6.12
N ALA D 39 -14.98 -21.92 5.86
CA ALA D 39 -15.85 -20.87 6.33
C ALA D 39 -15.96 -20.98 7.84
N SER D 40 -15.87 -19.85 8.52
CA SER D 40 -15.95 -19.88 9.98
C SER D 40 -17.29 -20.46 10.45
N GLU D 41 -17.22 -21.19 11.57
CA GLU D 41 -18.44 -21.68 12.21
C GLU D 41 -19.38 -20.53 12.55
N HIS D 42 -18.79 -19.34 12.73
CA HIS D 42 -19.56 -18.15 13.09
C HIS D 42 -19.56 -17.12 11.95
N MET D 43 -19.47 -17.59 10.72
CA MET D 43 -19.35 -16.68 9.58
C MET D 43 -20.55 -15.75 9.40
N LYS D 44 -20.27 -14.46 9.25
CA LYS D 44 -21.28 -13.50 8.84
C LYS D 44 -21.06 -13.13 7.36
N ARG D 45 -19.83 -12.75 7.05
CA ARG D 45 -19.43 -12.41 5.68
C ARG D 45 -17.93 -12.66 5.47
N PHE D 46 -17.54 -12.84 4.23
CA PHE D 46 -16.17 -12.60 3.84
C PHE D 46 -16.17 -11.99 2.44
N PHE D 47 -15.01 -11.54 2.00
CA PHE D 47 -14.92 -11.03 0.65
C PHE D 47 -13.60 -11.40 -0.02
N VAL D 48 -13.66 -11.45 -1.35
CA VAL D 48 -12.49 -11.58 -2.19
C VAL D 48 -12.55 -10.40 -3.16
N ASN D 49 -11.50 -9.58 -3.16
CA ASN D 49 -11.41 -8.43 -4.06
C ASN D 49 -10.28 -8.63 -5.06
N PHE D 50 -10.56 -8.31 -6.31
CA PHE D 50 -9.53 -8.18 -7.33
C PHE D 50 -9.20 -6.71 -7.43
N VAL D 51 -8.00 -6.33 -6.95
CA VAL D 51 -7.70 -4.93 -6.68
C VAL D 51 -6.71 -4.31 -7.65
N VAL D 52 -6.96 -3.06 -8.01
CA VAL D 52 -6.05 -2.30 -8.84
C VAL D 52 -5.08 -1.52 -7.95
N GLY D 53 -3.91 -2.09 -7.70
CA GLY D 53 -2.89 -1.41 -6.90
C GLY D 53 -3.04 -1.55 -5.40
N GLN D 54 -2.41 -0.63 -4.68
CA GLN D 54 -2.37 -0.68 -3.22
C GLN D 54 -2.40 0.74 -2.64
N ASP D 55 -2.91 1.69 -3.42
CA ASP D 55 -3.08 3.07 -2.97
C ASP D 55 -4.34 3.17 -2.12
N PRO D 56 -4.41 4.19 -1.24
CA PRO D 56 -5.67 4.45 -0.55
C PRO D 56 -6.74 4.75 -1.58
N GLY D 57 -7.89 4.09 -1.49
CA GLY D 57 -8.97 4.32 -2.45
C GLY D 57 -8.82 3.57 -3.75
N SER D 58 -7.94 2.55 -3.78
CA SER D 58 -7.73 1.73 -4.98
C SER D 58 -9.04 1.19 -5.54
N ASP D 59 -9.16 1.20 -6.87
CA ASP D 59 -10.29 0.58 -7.57
C ASP D 59 -10.30 -0.93 -7.26
N VAL D 60 -11.50 -1.49 -7.20
CA VAL D 60 -11.68 -2.92 -7.04
C VAL D 60 -12.47 -3.40 -8.27
N ALA D 61 -11.78 -4.10 -9.15
CA ALA D 61 -12.40 -4.55 -10.39
C ALA D 61 -13.56 -5.53 -10.13
N PHE D 62 -13.39 -6.39 -9.12
CA PHE D 62 -14.40 -7.37 -8.79
C PHE D 62 -14.37 -7.66 -7.28
N HIS D 63 -15.50 -7.40 -6.65
CA HIS D 63 -15.77 -7.63 -5.23
C HIS D 63 -16.78 -8.77 -5.15
N PHE D 64 -16.37 -9.87 -4.52
CA PHE D 64 -17.18 -11.08 -4.33
C PHE D 64 -17.43 -11.19 -2.84
N ASN D 65 -18.71 -11.13 -2.44
CA ASN D 65 -19.06 -10.90 -1.05
C ASN D 65 -20.21 -11.78 -0.57
N PRO D 66 -19.90 -13.02 -0.13
CA PRO D 66 -20.96 -13.80 0.51
C PRO D 66 -21.42 -13.21 1.83
N ARG D 67 -22.74 -13.19 2.03
CA ARG D 67 -23.34 -12.63 3.25
C ARG D 67 -24.39 -13.55 3.85
N PHE D 68 -24.31 -13.78 5.16
CA PHE D 68 -25.32 -14.56 5.88
C PHE D 68 -26.32 -13.66 6.59
N ASP D 69 -26.06 -12.35 6.61
CA ASP D 69 -26.99 -11.40 7.23
C ASP D 69 -28.22 -11.22 6.36
N GLY D 70 -29.37 -11.63 6.88
CA GLY D 70 -30.63 -11.55 6.13
C GLY D 70 -30.87 -12.78 5.29
N TRP D 71 -31.49 -12.60 4.13
CA TRP D 71 -31.67 -13.69 3.17
C TRP D 71 -30.28 -14.02 2.61
N ASP D 72 -29.81 -15.24 2.87
CA ASP D 72 -28.45 -15.65 2.53
C ASP D 72 -28.17 -15.43 1.05
N LYS D 73 -27.08 -14.74 0.73
CA LYS D 73 -26.82 -14.38 -0.66
C LYS D 73 -25.34 -14.05 -0.89
N VAL D 74 -24.98 -13.92 -2.16
CA VAL D 74 -23.67 -13.41 -2.54
C VAL D 74 -23.87 -12.12 -3.34
N VAL D 75 -23.14 -11.08 -2.94
CA VAL D 75 -23.16 -9.81 -3.63
C VAL D 75 -21.91 -9.68 -4.52
N PHE D 76 -22.08 -9.06 -5.70
CA PHE D 76 -20.99 -8.84 -6.63
C PHE D 76 -21.00 -7.38 -7.04
N ASN D 77 -19.83 -6.73 -7.06
CA ASN D 77 -19.78 -5.34 -7.48
C ASN D 77 -18.36 -4.90 -7.87
N THR D 78 -18.29 -3.66 -8.34
CA THR D 78 -17.04 -3.03 -8.75
C THR D 78 -16.96 -1.67 -8.10
N LEU D 79 -15.78 -1.31 -7.63
CA LEU D 79 -15.50 0.03 -7.08
C LEU D 79 -14.54 0.74 -8.03
N GLN D 80 -15.01 1.84 -8.62
CA GLN D 80 -14.21 2.55 -9.61
C GLN D 80 -14.27 4.05 -9.34
N GLY D 81 -13.11 4.68 -9.36
CA GLY D 81 -13.03 6.12 -9.17
C GLY D 81 -13.72 6.55 -7.90
N GLY D 82 -13.68 5.70 -6.87
CA GLY D 82 -14.24 6.00 -5.57
C GLY D 82 -15.70 5.63 -5.36
N LYS D 83 -16.33 5.07 -6.39
CA LYS D 83 -17.78 4.80 -6.33
C LYS D 83 -18.12 3.34 -6.57
N TRP D 84 -18.99 2.79 -5.71
CA TRP D 84 -19.53 1.46 -5.95
C TRP D 84 -20.53 1.53 -7.08
N GLY D 85 -20.52 0.53 -7.95
CA GLY D 85 -21.48 0.44 -9.04
C GLY D 85 -22.79 -0.19 -8.58
N SER D 86 -23.57 -0.66 -9.55
CA SER D 86 -24.82 -1.35 -9.25
C SER D 86 -24.52 -2.78 -8.83
N GLU D 87 -24.87 -3.14 -7.59
CA GLU D 87 -24.64 -4.49 -7.12
C GLU D 87 -25.37 -5.49 -7.99
N GLU D 88 -24.71 -6.62 -8.23
CA GLU D 88 -25.39 -7.82 -8.69
C GLU D 88 -25.52 -8.75 -7.48
N ARG D 89 -26.57 -9.55 -7.45
CA ARG D 89 -26.83 -10.43 -6.32
C ARG D 89 -27.27 -11.79 -6.79
N LYS D 90 -26.82 -12.82 -6.11
CA LYS D 90 -27.40 -14.15 -6.29
C LYS D 90 -27.87 -14.63 -4.94
N ARG D 91 -29.18 -14.87 -4.84
CA ARG D 91 -29.83 -15.25 -3.60
C ARG D 91 -29.65 -16.72 -3.33
N SER D 92 -28.41 -17.18 -3.36
CA SER D 92 -28.07 -18.55 -3.04
C SER D 92 -26.73 -18.51 -2.30
N MET D 93 -26.58 -19.38 -1.33
CA MET D 93 -25.37 -19.40 -0.52
C MET D 93 -24.68 -20.75 -0.67
N PRO D 94 -23.55 -20.79 -1.40
CA PRO D 94 -22.85 -22.04 -1.67
C PRO D 94 -21.89 -22.44 -0.56
N PHE D 95 -21.71 -21.56 0.42
CA PHE D 95 -20.87 -21.85 1.54
C PHE D 95 -21.70 -22.36 2.73
N LYS D 96 -21.00 -23.00 3.66
CA LYS D 96 -21.61 -23.55 4.85
C LYS D 96 -20.73 -23.23 6.05
N LYS D 97 -21.32 -22.67 7.09
CA LYS D 97 -20.58 -22.37 8.31
C LYS D 97 -19.83 -23.59 8.82
N GLY D 98 -18.53 -23.42 9.02
CA GLY D 98 -17.66 -24.47 9.52
C GLY D 98 -17.08 -25.40 8.47
N ALA D 99 -17.57 -25.30 7.23
CA ALA D 99 -17.20 -26.25 6.18
C ALA D 99 -16.07 -25.77 5.29
N ALA D 100 -15.17 -26.70 4.94
CA ALA D 100 -14.14 -26.43 3.96
C ALA D 100 -14.78 -26.16 2.61
N PHE D 101 -14.16 -25.27 1.83
CA PHE D 101 -14.65 -24.97 0.49
C PHE D 101 -13.51 -24.85 -0.48
N GLU D 102 -13.81 -25.02 -1.76
CA GLU D 102 -12.88 -24.71 -2.84
C GLU D 102 -13.53 -23.64 -3.67
N LEU D 103 -12.87 -22.49 -3.77
CA LEU D 103 -13.41 -21.35 -4.46
C LEU D 103 -12.49 -21.00 -5.62
N VAL D 104 -13.03 -21.05 -6.82
CA VAL D 104 -12.22 -20.87 -8.01
C VAL D 104 -12.76 -19.71 -8.83
N PHE D 105 -11.87 -18.82 -9.25
CA PHE D 105 -12.22 -17.76 -10.18
C PHE D 105 -11.49 -18.02 -11.48
N ILE D 106 -12.23 -18.28 -12.54
CA ILE D 106 -11.62 -18.49 -13.84
C ILE D 106 -11.73 -17.19 -14.65
N VAL D 107 -10.60 -16.60 -15.03
CA VAL D 107 -10.63 -15.30 -15.71
C VAL D 107 -10.77 -15.47 -17.22
N LEU D 108 -11.94 -15.14 -17.74
CA LEU D 108 -12.18 -15.27 -19.16
C LEU D 108 -12.27 -13.87 -19.77
N ALA D 109 -12.23 -13.76 -21.10
CA ALA D 109 -12.25 -12.45 -21.74
C ALA D 109 -13.51 -11.68 -21.36
N GLU D 110 -14.64 -12.39 -21.25
CA GLU D 110 -15.93 -11.74 -21.05
C GLU D 110 -16.30 -11.51 -19.60
N HIS D 111 -15.80 -12.37 -18.72
CA HIS D 111 -16.22 -12.33 -17.32
C HIS D 111 -15.31 -13.17 -16.44
N TYR D 112 -15.44 -12.94 -15.14
CA TYR D 112 -14.94 -13.87 -14.13
C TYR D 112 -15.95 -15.00 -13.94
N LYS D 113 -15.52 -16.23 -14.13
CA LYS D 113 -16.40 -17.36 -13.87
C LYS D 113 -16.11 -17.85 -12.46
N VAL D 114 -17.11 -17.80 -11.59
CA VAL D 114 -16.95 -18.25 -10.22
C VAL D 114 -17.47 -19.67 -10.06
N VAL D 115 -16.62 -20.52 -9.48
CA VAL D 115 -16.98 -21.91 -9.22
C VAL D 115 -16.78 -22.19 -7.74
N VAL D 116 -17.78 -22.78 -7.09
CA VAL D 116 -17.64 -23.16 -5.69
C VAL D 116 -17.89 -24.67 -5.51
N ASN D 117 -16.91 -25.34 -4.92
CA ASN D 117 -16.98 -26.78 -4.70
C ASN D 117 -17.33 -27.54 -5.98
N GLY D 118 -16.73 -27.10 -7.08
CA GLY D 118 -16.92 -27.73 -8.38
C GLY D 118 -18.17 -27.30 -9.14
N ASN D 119 -19.04 -26.52 -8.49
CA ASN D 119 -20.31 -26.08 -9.08
C ASN D 119 -20.24 -24.67 -9.64
N PRO D 120 -20.55 -24.49 -10.93
CA PRO D 120 -20.64 -23.14 -11.46
C PRO D 120 -21.60 -22.30 -10.63
N PHE D 121 -21.16 -21.12 -10.22
CA PHE D 121 -21.98 -20.32 -9.32
C PHE D 121 -22.43 -18.99 -9.96
N TYR D 122 -21.51 -18.32 -10.66
CA TYR D 122 -21.82 -17.01 -11.22
C TYR D 122 -20.82 -16.62 -12.30
N GLU D 123 -21.26 -15.77 -13.24
CA GLU D 123 -20.37 -15.16 -14.21
C GLU D 123 -20.50 -13.65 -14.11
N TYR D 124 -19.45 -13.01 -13.63
CA TYR D 124 -19.47 -11.56 -13.42
C TYR D 124 -18.78 -10.87 -14.60
N GLY D 125 -19.56 -10.17 -15.42
CA GLY D 125 -19.01 -9.44 -16.56
C GLY D 125 -18.04 -8.34 -16.16
N HIS D 126 -16.93 -8.24 -16.88
CA HIS D 126 -15.92 -7.22 -16.60
C HIS D 126 -16.49 -5.81 -16.74
N ARG D 127 -16.22 -4.98 -15.75
CA ARG D 127 -16.56 -3.56 -15.82
C ARG D 127 -15.29 -2.72 -16.01
N LEU D 128 -14.25 -3.03 -15.25
CA LEU D 128 -12.92 -2.45 -15.43
C LEU D 128 -12.09 -3.45 -16.22
N PRO D 129 -11.22 -2.97 -17.11
CA PRO D 129 -10.34 -3.90 -17.85
C PRO D 129 -9.57 -4.78 -16.89
N LEU D 130 -9.64 -6.09 -17.09
CA LEU D 130 -9.11 -7.02 -16.09
C LEU D 130 -7.60 -6.92 -15.89
N GLN D 131 -6.88 -6.46 -16.92
CA GLN D 131 -5.42 -6.35 -16.81
C GLN D 131 -4.97 -5.29 -15.82
N MET D 132 -5.89 -4.43 -15.40
CA MET D 132 -5.57 -3.43 -14.39
C MET D 132 -5.33 -4.06 -13.02
N VAL D 133 -5.88 -5.24 -12.81
CA VAL D 133 -5.80 -5.88 -11.50
C VAL D 133 -4.39 -6.35 -11.18
N THR D 134 -3.88 -5.97 -10.00
CA THR D 134 -2.52 -6.34 -9.60
C THR D 134 -2.50 -7.20 -8.34
N HIS D 135 -3.57 -7.13 -7.56
CA HIS D 135 -3.58 -7.75 -6.26
C HIS D 135 -4.84 -8.55 -5.99
N LEU D 136 -4.70 -9.57 -5.15
CA LEU D 136 -5.84 -10.29 -4.63
C LEU D 136 -5.94 -10.02 -3.12
N GLN D 137 -7.13 -9.62 -2.68
CA GLN D 137 -7.38 -9.28 -1.27
C GLN D 137 -8.48 -10.16 -0.75
N VAL D 138 -8.20 -10.82 0.37
CA VAL D 138 -9.16 -11.70 0.98
C VAL D 138 -9.24 -11.39 2.47
N ASP D 139 -10.44 -11.29 3.01
CA ASP D 139 -10.62 -11.06 4.44
C ASP D 139 -12.03 -11.42 4.89
N GLY D 140 -12.22 -11.54 6.19
CA GLY D 140 -13.53 -11.83 6.74
C GLY D 140 -13.53 -13.08 7.58
N ASP D 141 -14.70 -13.71 7.70
CA ASP D 141 -14.92 -14.82 8.60
C ASP D 141 -14.61 -16.16 7.96
N LEU D 142 -13.32 -16.43 7.80
CA LEU D 142 -12.87 -17.69 7.23
C LEU D 142 -11.45 -17.95 7.65
N GLN D 143 -11.01 -19.18 7.44
CA GLN D 143 -9.61 -19.55 7.56
C GLN D 143 -9.11 -19.90 6.16
N LEU D 144 -7.90 -19.48 5.85
CA LEU D 144 -7.31 -19.66 4.54
C LEU D 144 -6.25 -20.76 4.57
N GLN D 145 -6.43 -21.81 3.76
CA GLN D 145 -5.41 -22.88 3.69
C GLN D 145 -4.42 -22.64 2.58
N SER D 146 -4.91 -22.26 1.42
CA SER D 146 -4.00 -21.99 0.32
C SER D 146 -4.66 -21.14 -0.74
N ILE D 147 -3.84 -20.35 -1.41
CA ILE D 147 -4.27 -19.62 -2.59
C ILE D 147 -3.24 -19.87 -3.69
N ASN D 148 -3.70 -20.35 -4.83
CA ASN D 148 -2.82 -20.67 -5.94
C ASN D 148 -3.28 -19.99 -7.21
N PHE D 149 -2.32 -19.55 -8.01
CA PHE D 149 -2.59 -18.93 -9.30
C PHE D 149 -2.11 -19.84 -10.42
N ILE D 150 -3.02 -20.20 -11.31
CA ILE D 150 -2.76 -21.14 -12.39
C ILE D 150 -2.97 -20.46 -13.73
N GLY D 151 -2.00 -20.61 -14.63
CA GLY D 151 -2.10 -20.09 -16.00
C GLY D 151 -2.01 -18.58 -16.09
#